data_2GO3
#
_entry.id   2GO3
#
_cell.length_a   101.234
_cell.length_b   101.234
_cell.length_c   122.162
_cell.angle_alpha   90.00
_cell.angle_beta   90.00
_cell.angle_gamma   120.00
#
_symmetry.space_group_name_H-M   'P 61'
#
loop_
_entity.id
_entity.type
_entity.pdbx_description
1 polymer 'UDP-3-O-[3-hydroxymyristoyl] N-acetylglucosamine deacetylase'
2 non-polymer 'ZINC ION'
3 non-polymer 'CHLORIDE ION'
4 non-polymer 'PALMITIC ACID'
5 non-polymer 'MYRISTIC ACID'
6 non-polymer IMIDAZOLE
7 non-polymer GLYCEROL
8 water water
#
_entity_poly.entity_id   1
_entity_poly.type   'polypeptide(L)'
_entity_poly.pdbx_seq_one_letter_code
;MGLEKTVKEKLSFEGVGIHTGEYSKLIIHPEKEGTGIRFFKNGVYIPARHEFVVHTNHSTDLGFKGQRIKTVEHILSVLH
LLEITNVTIEVIGNEIPILDGSGWEFYEAIRKNILNQNREIDYFVVEEPIIVEDEGRLIKAEPSDTLEVTYEGEFKNFLG
RQKFTFVEGNEEEIVLARTFAFDWEIEHIKKVGLGKGGSLKNTLVLGKDKVYNPEGLRYENEPVRHKVFDLIGDLYLLGS
PVKGKFYSFRGGHSLNVKLVKELAKKQ
;
_entity_poly.pdbx_strand_id   A,B
#
loop_
_chem_comp.id
_chem_comp.type
_chem_comp.name
_chem_comp.formula
CL non-polymer 'CHLORIDE ION' 'Cl -1'
GOL non-polymer GLYCEROL 'C3 H8 O3'
IMD non-polymer IMIDAZOLE 'C3 H5 N2 1'
MYR non-polymer 'MYRISTIC ACID' 'C14 H28 O2'
PLM non-polymer 'PALMITIC ACID' 'C16 H32 O2'
ZN non-polymer 'ZINC ION' 'Zn 2'
#
# COMPACT_ATOMS: atom_id res chain seq x y z
N GLY A 2 -38.57 18.32 4.16
CA GLY A 2 -37.89 18.14 2.86
C GLY A 2 -38.60 17.14 1.98
N LEU A 3 -38.49 17.34 0.68
CA LEU A 3 -39.12 16.45 -0.30
C LEU A 3 -38.26 15.20 -0.51
N GLU A 4 -38.89 14.09 -0.86
CA GLU A 4 -38.11 12.89 -1.14
C GLU A 4 -37.24 13.24 -2.34
N LYS A 5 -36.12 12.54 -2.51
CA LYS A 5 -35.23 12.85 -3.60
C LYS A 5 -34.57 11.62 -4.22
N THR A 6 -34.12 11.78 -5.46
CA THR A 6 -33.45 10.73 -6.19
C THR A 6 -32.39 11.44 -7.02
N VAL A 7 -31.69 10.72 -7.90
CA VAL A 7 -30.67 11.35 -8.71
C VAL A 7 -31.21 11.70 -10.10
N LYS A 8 -30.73 12.79 -10.67
CA LYS A 8 -31.18 13.24 -11.98
C LYS A 8 -30.82 12.23 -13.06
N GLU A 9 -29.66 11.60 -12.91
CA GLU A 9 -29.20 10.59 -13.86
C GLU A 9 -28.34 9.59 -13.09
N LYS A 10 -28.18 8.39 -13.64
CA LYS A 10 -27.39 7.37 -12.96
C LYS A 10 -25.94 7.84 -12.77
N LEU A 11 -25.38 7.48 -11.62
CA LEU A 11 -24.01 7.87 -11.28
C LEU A 11 -23.23 6.63 -10.92
N SER A 12 -21.99 6.53 -11.39
CA SER A 12 -21.18 5.37 -11.08
C SER A 12 -19.83 5.72 -10.50
N PHE A 13 -19.30 4.80 -9.70
CA PHE A 13 -18.01 4.96 -9.06
C PHE A 13 -17.35 3.59 -9.05
N GLU A 14 -16.04 3.55 -9.24
CA GLU A 14 -15.35 2.27 -9.25
C GLU A 14 -13.99 2.39 -8.55
N GLY A 15 -13.51 1.25 -8.06
CA GLY A 15 -12.24 1.22 -7.37
C GLY A 15 -12.12 -0.12 -6.70
N VAL A 16 -11.26 -0.20 -5.69
CA VAL A 16 -11.05 -1.44 -4.97
C VAL A 16 -11.82 -1.41 -3.65
N GLY A 17 -12.12 -2.59 -3.12
CA GLY A 17 -12.81 -2.68 -1.85
C GLY A 17 -11.71 -2.69 -0.81
N ILE A 18 -11.86 -1.89 0.24
CA ILE A 18 -10.82 -1.83 1.28
C ILE A 18 -10.60 -3.19 1.95
N HIS A 19 -11.65 -3.98 2.07
CA HIS A 19 -11.51 -5.29 2.71
C HIS A 19 -11.23 -6.46 1.78
N THR A 20 -11.93 -6.53 0.67
CA THR A 20 -11.74 -7.64 -0.27
C THR A 20 -10.50 -7.44 -1.14
N GLY A 21 -10.11 -6.18 -1.35
CA GLY A 21 -8.97 -5.90 -2.20
C GLY A 21 -9.29 -6.23 -3.65
N GLU A 22 -10.58 -6.40 -3.92
CA GLU A 22 -11.05 -6.74 -5.26
C GLU A 22 -11.66 -5.52 -5.96
N TYR A 23 -11.68 -5.56 -7.29
CA TYR A 23 -12.27 -4.49 -8.07
C TYR A 23 -13.76 -4.48 -7.79
N SER A 24 -14.34 -3.29 -7.67
CA SER A 24 -15.77 -3.20 -7.45
C SER A 24 -16.30 -1.90 -8.01
N LYS A 25 -17.58 -1.90 -8.35
CA LYS A 25 -18.19 -0.73 -8.92
C LYS A 25 -19.66 -0.67 -8.53
N LEU A 26 -20.19 0.54 -8.43
CA LEU A 26 -21.59 0.68 -8.10
C LEU A 26 -22.19 1.67 -9.08
N ILE A 27 -23.46 1.44 -9.42
CA ILE A 27 -24.17 2.33 -10.33
C ILE A 27 -25.45 2.72 -9.61
N ILE A 28 -25.60 4.01 -9.32
CA ILE A 28 -26.77 4.49 -8.63
C ILE A 28 -27.83 4.91 -9.65
N HIS A 29 -28.95 4.19 -9.66
CA HIS A 29 -30.06 4.46 -10.58
C HIS A 29 -31.22 5.12 -9.85
N PRO A 30 -31.88 6.08 -10.50
CA PRO A 30 -33.02 6.78 -9.89
C PRO A 30 -34.23 5.87 -9.74
N GLU A 31 -35.10 6.20 -8.79
CA GLU A 31 -36.31 5.43 -8.54
C GLU A 31 -37.43 6.39 -8.13
N LYS A 32 -38.67 5.97 -8.34
CA LYS A 32 -39.81 6.80 -8.01
C LYS A 32 -40.03 6.92 -6.50
N GLU A 33 -40.89 7.85 -6.10
CA GLU A 33 -41.20 8.06 -4.69
C GLU A 33 -41.62 6.79 -4.00
N GLY A 34 -41.30 6.68 -2.71
CA GLY A 34 -41.68 5.51 -1.94
C GLY A 34 -40.86 4.26 -2.20
N THR A 35 -39.89 4.34 -3.11
CA THR A 35 -39.06 3.17 -3.40
C THR A 35 -38.07 2.86 -2.27
N GLY A 36 -37.45 3.90 -1.73
CA GLY A 36 -36.49 3.70 -0.65
C GLY A 36 -35.10 3.43 -1.21
N ILE A 37 -34.15 3.17 -0.32
CA ILE A 37 -32.77 2.88 -0.73
C ILE A 37 -32.52 1.38 -0.71
N ARG A 38 -32.03 0.84 -1.82
CA ARG A 38 -31.77 -0.58 -1.90
C ARG A 38 -30.58 -0.88 -2.81
N PHE A 39 -29.86 -1.94 -2.49
CA PHE A 39 -28.75 -2.35 -3.32
C PHE A 39 -29.23 -3.50 -4.19
N PHE A 40 -28.54 -3.74 -5.30
CA PHE A 40 -28.87 -4.83 -6.19
C PHE A 40 -27.59 -5.55 -6.51
N LYS A 41 -27.56 -6.85 -6.23
CA LYS A 41 -26.38 -7.66 -6.49
C LYS A 41 -26.76 -9.05 -6.98
N ASN A 42 -26.15 -9.47 -8.09
CA ASN A 42 -26.40 -10.78 -8.66
C ASN A 42 -27.87 -11.19 -8.63
N GLY A 43 -28.76 -10.28 -9.04
CA GLY A 43 -30.18 -10.57 -9.09
C GLY A 43 -31.02 -10.38 -7.84
N VAL A 44 -30.38 -10.06 -6.72
CA VAL A 44 -31.10 -9.86 -5.47
C VAL A 44 -31.08 -8.41 -4.99
N TYR A 45 -32.24 -7.94 -4.52
CA TYR A 45 -32.33 -6.59 -3.99
C TYR A 45 -32.11 -6.65 -2.49
N ILE A 46 -31.18 -5.84 -1.99
CA ILE A 46 -30.89 -5.82 -0.57
C ILE A 46 -31.24 -4.44 -0.05
N PRO A 47 -32.35 -4.32 0.69
CA PRO A 47 -32.77 -3.03 1.23
C PRO A 47 -31.72 -2.50 2.20
N ALA A 48 -31.52 -1.19 2.21
CA ALA A 48 -30.54 -0.59 3.11
C ALA A 48 -31.19 -0.42 4.48
N ARG A 49 -31.47 -1.55 5.14
CA ARG A 49 -32.11 -1.52 6.45
C ARG A 49 -31.40 -2.44 7.44
N HIS A 50 -31.54 -2.12 8.72
CA HIS A 50 -30.89 -2.89 9.78
C HIS A 50 -31.19 -4.39 9.79
N GLU A 51 -32.37 -4.78 9.32
CA GLU A 51 -32.72 -6.20 9.31
C GLU A 51 -31.79 -7.02 8.43
N PHE A 52 -31.12 -6.37 7.49
CA PHE A 52 -30.22 -7.08 6.59
C PHE A 52 -28.74 -7.01 6.91
N VAL A 53 -28.41 -6.51 8.11
CA VAL A 53 -27.00 -6.43 8.51
C VAL A 53 -26.52 -7.84 8.86
N VAL A 54 -25.37 -8.23 8.33
CA VAL A 54 -24.83 -9.55 8.60
C VAL A 54 -23.45 -9.54 9.26
N HIS A 55 -22.81 -8.37 9.29
CA HIS A 55 -21.48 -8.25 9.89
C HIS A 55 -21.21 -6.78 10.25
N THR A 56 -20.53 -6.55 11.37
CA THR A 56 -20.24 -5.19 11.81
C THR A 56 -18.82 -4.96 12.31
N ASN A 57 -17.93 -5.92 12.11
CA ASN A 57 -16.55 -5.77 12.54
C ASN A 57 -15.69 -5.17 11.43
N HIS A 58 -15.29 -3.92 11.60
CA HIS A 58 -14.44 -3.21 10.64
C HIS A 58 -15.17 -2.70 9.40
N SER A 59 -16.49 -2.80 9.41
CA SER A 59 -17.33 -2.30 8.34
C SER A 59 -18.76 -2.77 8.60
N THR A 60 -19.71 -2.14 7.94
CA THR A 60 -21.12 -2.52 8.07
C THR A 60 -21.48 -3.25 6.80
N ASP A 61 -21.78 -4.54 6.91
CA ASP A 61 -22.13 -5.34 5.74
C ASP A 61 -23.58 -5.80 5.74
N LEU A 62 -24.19 -5.82 4.56
CA LEU A 62 -25.57 -6.23 4.39
C LEU A 62 -25.65 -7.50 3.55
N GLY A 63 -26.73 -8.25 3.72
CA GLY A 63 -26.89 -9.47 2.96
C GLY A 63 -28.31 -9.96 2.90
N PHE A 64 -28.63 -10.67 1.84
CA PHE A 64 -29.96 -11.23 1.68
C PHE A 64 -29.92 -12.35 0.64
N LYS A 65 -30.59 -13.45 0.96
CA LYS A 65 -30.66 -14.61 0.08
C LYS A 65 -29.32 -15.05 -0.51
N GLY A 66 -28.29 -15.11 0.33
CA GLY A 66 -26.99 -15.55 -0.14
C GLY A 66 -26.12 -14.51 -0.83
N GLN A 67 -26.62 -13.29 -0.98
CA GLN A 67 -25.84 -12.24 -1.61
C GLN A 67 -25.43 -11.22 -0.55
N ARG A 68 -24.14 -10.93 -0.45
CA ARG A 68 -23.63 -10.00 0.55
C ARG A 68 -22.88 -8.81 -0.06
N ILE A 69 -22.96 -7.66 0.62
CA ILE A 69 -22.28 -6.45 0.18
C ILE A 69 -21.59 -5.84 1.40
N LYS A 70 -20.27 -5.77 1.36
CA LYS A 70 -19.50 -5.21 2.47
C LYS A 70 -19.30 -3.71 2.37
N THR A 71 -19.13 -3.09 3.54
CA THR A 71 -18.80 -1.67 3.66
C THR A 71 -19.76 -0.67 3.00
N VAL A 72 -21.01 -0.66 3.45
CA VAL A 72 -22.00 0.25 2.89
C VAL A 72 -22.09 1.58 3.64
N GLU A 73 -21.41 1.69 4.78
CA GLU A 73 -21.50 2.89 5.60
C GLU A 73 -21.20 4.25 4.96
N HIS A 74 -20.21 4.32 4.08
CA HIS A 74 -19.84 5.62 3.48
C HIS A 74 -20.84 6.10 2.42
N ILE A 75 -21.28 5.21 1.54
CA ILE A 75 -22.23 5.63 0.53
C ILE A 75 -23.57 5.94 1.21
N LEU A 76 -23.95 5.16 2.21
CA LEU A 76 -25.21 5.41 2.92
C LEU A 76 -25.14 6.72 3.70
N SER A 77 -23.98 7.02 4.28
CA SER A 77 -23.85 8.26 5.03
C SER A 77 -24.06 9.47 4.12
N VAL A 78 -23.45 9.43 2.94
CA VAL A 78 -23.59 10.52 1.97
C VAL A 78 -25.05 10.68 1.53
N LEU A 79 -25.71 9.55 1.28
CA LEU A 79 -27.11 9.57 0.87
C LEU A 79 -27.98 10.14 1.99
N HIS A 80 -27.66 9.79 3.23
CA HIS A 80 -28.41 10.27 4.39
C HIS A 80 -28.23 11.78 4.53
N LEU A 81 -26.98 12.24 4.40
CA LEU A 81 -26.66 13.67 4.51
C LEU A 81 -27.30 14.52 3.43
N LEU A 82 -27.47 13.97 2.25
CA LEU A 82 -28.08 14.71 1.13
C LEU A 82 -29.57 14.39 1.02
N GLU A 83 -30.05 13.56 1.94
CA GLU A 83 -31.45 13.14 1.96
C GLU A 83 -31.95 12.45 0.70
N ILE A 84 -31.08 11.68 0.04
CA ILE A 84 -31.51 10.94 -1.15
C ILE A 84 -32.30 9.79 -0.55
N THR A 85 -33.55 9.65 -0.95
CA THR A 85 -34.42 8.61 -0.40
C THR A 85 -34.83 7.48 -1.35
N ASN A 86 -34.74 7.70 -2.64
CA ASN A 86 -35.14 6.68 -3.61
C ASN A 86 -34.13 6.40 -4.71
N VAL A 87 -33.37 5.32 -4.55
CA VAL A 87 -32.38 4.91 -5.54
C VAL A 87 -32.09 3.43 -5.45
N THR A 88 -31.59 2.87 -6.54
CA THR A 88 -31.21 1.48 -6.58
C THR A 88 -29.72 1.51 -6.84
N ILE A 89 -28.96 0.90 -5.94
CA ILE A 89 -27.52 0.88 -6.06
C ILE A 89 -27.03 -0.48 -6.54
N GLU A 90 -26.80 -0.59 -7.83
CA GLU A 90 -26.32 -1.83 -8.41
C GLU A 90 -24.86 -1.96 -8.01
N VAL A 91 -24.48 -3.15 -7.56
CA VAL A 91 -23.11 -3.39 -7.14
C VAL A 91 -22.45 -4.51 -7.92
N ILE A 92 -21.29 -4.21 -8.48
CA ILE A 92 -20.48 -5.19 -9.21
C ILE A 92 -19.36 -5.49 -8.22
N GLY A 93 -19.27 -6.74 -7.79
CA GLY A 93 -18.25 -7.08 -6.81
C GLY A 93 -18.92 -7.39 -5.49
N ASN A 94 -18.14 -7.54 -4.43
CA ASN A 94 -18.72 -7.91 -3.13
C ASN A 94 -18.59 -6.84 -2.08
N GLU A 95 -18.20 -5.63 -2.50
CA GLU A 95 -18.01 -4.55 -1.55
C GLU A 95 -18.07 -3.21 -2.27
N ILE A 96 -18.47 -2.18 -1.55
CA ILE A 96 -18.54 -0.83 -2.11
C ILE A 96 -17.10 -0.32 -2.22
N PRO A 97 -16.74 0.31 -3.36
CA PRO A 97 -15.37 0.82 -3.52
C PRO A 97 -15.07 1.80 -2.40
N ILE A 98 -13.85 1.73 -1.85
CA ILE A 98 -13.48 2.62 -0.76
C ILE A 98 -13.03 4.00 -1.26
N LEU A 99 -12.55 4.05 -2.49
CA LEU A 99 -12.07 5.30 -3.08
C LEU A 99 -10.96 5.90 -2.20
N ASP A 100 -11.07 7.16 -1.80
CA ASP A 100 -10.02 7.76 -0.97
C ASP A 100 -10.24 7.55 0.52
N GLY A 101 -11.24 6.73 0.87
CA GLY A 101 -11.52 6.49 2.28
C GLY A 101 -12.56 7.40 2.92
N SER A 102 -12.99 8.43 2.18
CA SER A 102 -14.00 9.36 2.69
C SER A 102 -15.24 9.29 1.80
N GLY A 103 -16.17 10.22 2.01
CA GLY A 103 -17.37 10.24 1.18
C GLY A 103 -17.33 11.37 0.18
N TRP A 104 -16.17 12.01 0.04
CA TRP A 104 -16.03 13.16 -0.86
C TRP A 104 -16.48 12.94 -2.29
N GLU A 105 -15.94 11.93 -2.96
CA GLU A 105 -16.31 11.68 -4.35
C GLU A 105 -17.81 11.42 -4.47
N PHE A 106 -18.36 10.63 -3.55
CA PHE A 106 -19.79 10.35 -3.56
C PHE A 106 -20.55 11.66 -3.40
N TYR A 107 -20.19 12.40 -2.35
CA TYR A 107 -20.85 13.66 -2.03
C TYR A 107 -20.89 14.67 -3.17
N GLU A 108 -19.74 14.98 -3.75
CA GLU A 108 -19.68 15.95 -4.84
C GLU A 108 -20.47 15.53 -6.07
N ALA A 109 -20.43 14.25 -6.41
CA ALA A 109 -21.15 13.77 -7.58
C ALA A 109 -22.65 13.82 -7.36
N ILE A 110 -23.12 13.24 -6.27
CA ILE A 110 -24.53 13.20 -5.95
C ILE A 110 -25.15 14.57 -5.71
N ARG A 111 -24.44 15.43 -4.97
CA ARG A 111 -24.94 16.76 -4.66
C ARG A 111 -25.26 17.57 -5.91
N LYS A 112 -24.49 17.34 -6.97
CA LYS A 112 -24.68 18.03 -8.24
C LYS A 112 -25.77 17.42 -9.11
N ASN A 113 -26.35 16.31 -8.67
CA ASN A 113 -27.36 15.62 -9.46
C ASN A 113 -28.59 15.21 -8.67
N ILE A 114 -29.06 16.10 -7.79
CA ILE A 114 -30.24 15.80 -7.00
C ILE A 114 -31.50 16.16 -7.77
N LEU A 115 -32.53 15.33 -7.61
CA LEU A 115 -33.80 15.57 -8.26
C LEU A 115 -34.91 15.46 -7.22
N ASN A 116 -35.50 16.60 -6.88
CA ASN A 116 -36.59 16.62 -5.89
C ASN A 116 -37.79 15.87 -6.46
N GLN A 117 -38.55 15.23 -5.58
CA GLN A 117 -39.72 14.47 -6.00
C GLN A 117 -40.99 15.00 -5.36
N ASN A 118 -42.14 14.46 -5.76
CA ASN A 118 -43.42 14.93 -5.25
C ASN A 118 -43.95 14.16 -4.04
N ARG A 119 -43.25 14.27 -2.92
CA ARG A 119 -43.67 13.61 -1.69
C ARG A 119 -42.79 14.06 -0.52
N GLU A 120 -43.45 14.40 0.58
CA GLU A 120 -42.74 14.85 1.78
C GLU A 120 -42.03 13.66 2.42
N ILE A 121 -40.85 13.92 2.97
CA ILE A 121 -40.08 12.87 3.63
C ILE A 121 -40.69 12.59 5.00
N ASP A 122 -40.85 11.31 5.32
CA ASP A 122 -41.39 10.91 6.61
C ASP A 122 -40.17 10.49 7.44
N TYR A 123 -39.56 11.47 8.10
CA TYR A 123 -38.37 11.22 8.90
C TYR A 123 -38.55 10.27 10.08
N PHE A 124 -37.46 9.61 10.46
CA PHE A 124 -37.50 8.74 11.62
C PHE A 124 -37.13 9.69 12.76
N VAL A 125 -38.10 10.00 13.61
CA VAL A 125 -37.86 10.93 14.71
C VAL A 125 -37.69 10.22 16.05
N VAL A 126 -36.52 10.40 16.66
CA VAL A 126 -36.25 9.80 17.97
C VAL A 126 -37.30 10.43 18.89
N GLU A 127 -38.08 9.58 19.55
CA GLU A 127 -39.15 10.05 20.42
C GLU A 127 -38.76 10.19 21.89
N GLU A 128 -37.94 9.27 22.37
CA GLU A 128 -37.51 9.31 23.77
C GLU A 128 -36.03 8.94 23.92
N PRO A 129 -35.39 9.43 24.99
CA PRO A 129 -33.98 9.16 25.26
C PRO A 129 -33.69 7.67 25.34
N ILE A 130 -32.54 7.27 24.82
CA ILE A 130 -32.13 5.87 24.83
C ILE A 130 -30.61 5.78 24.87
N ILE A 131 -30.11 4.75 25.55
CA ILE A 131 -28.67 4.56 25.67
C ILE A 131 -28.29 3.09 25.58
N VAL A 132 -27.28 2.80 24.76
CA VAL A 132 -26.77 1.44 24.60
C VAL A 132 -25.31 1.47 25.01
N GLU A 133 -24.82 0.38 25.60
CA GLU A 133 -23.43 0.34 26.06
C GLU A 133 -22.76 -1.00 25.77
N ASP A 134 -21.44 -1.00 25.87
CA ASP A 134 -20.66 -2.20 25.63
C ASP A 134 -19.21 -2.00 26.09
N GLU A 135 -18.91 -2.47 27.29
CA GLU A 135 -17.57 -2.35 27.87
C GLU A 135 -16.96 -0.96 27.67
N GLY A 136 -17.52 0.03 28.35
CA GLY A 136 -17.00 1.38 28.24
C GLY A 136 -17.62 2.19 27.10
N ARG A 137 -17.80 1.54 25.95
CA ARG A 137 -18.39 2.20 24.80
C ARG A 137 -19.85 2.52 25.11
N LEU A 138 -20.32 3.67 24.66
CA LEU A 138 -21.69 4.07 24.91
C LEU A 138 -22.22 5.04 23.86
N ILE A 139 -23.51 4.93 23.57
CA ILE A 139 -24.16 5.81 22.61
C ILE A 139 -25.52 6.20 23.18
N LYS A 140 -25.81 7.50 23.18
CA LYS A 140 -27.07 8.02 23.68
C LYS A 140 -27.79 8.76 22.57
N ALA A 141 -29.09 8.56 22.48
CA ALA A 141 -29.91 9.21 21.48
C ALA A 141 -31.10 9.89 22.16
N GLU A 142 -31.41 11.11 21.73
CA GLU A 142 -32.53 11.84 22.31
C GLU A 142 -33.20 12.71 21.26
N PRO A 143 -34.45 13.14 21.53
CA PRO A 143 -35.22 13.98 20.61
C PRO A 143 -34.51 15.25 20.17
N SER A 144 -34.78 15.64 18.93
CA SER A 144 -34.20 16.85 18.35
C SER A 144 -34.86 17.10 17.00
N ASP A 145 -35.12 18.36 16.68
CA ASP A 145 -35.74 18.71 15.41
C ASP A 145 -34.76 18.58 14.25
N THR A 146 -33.48 18.58 14.59
CA THR A 146 -32.42 18.46 13.57
C THR A 146 -31.43 17.37 13.94
N LEU A 147 -30.83 16.76 12.94
CA LEU A 147 -29.84 15.71 13.17
C LEU A 147 -28.55 16.31 13.73
N GLU A 148 -28.18 15.90 14.94
CA GLU A 148 -26.97 16.38 15.57
C GLU A 148 -26.21 15.14 16.05
N VAL A 149 -24.96 15.02 15.65
CA VAL A 149 -24.18 13.86 16.02
C VAL A 149 -22.82 14.22 16.60
N THR A 150 -22.59 13.77 17.83
CA THR A 150 -21.32 14.02 18.50
C THR A 150 -20.60 12.70 18.74
N TYR A 151 -19.29 12.69 18.47
CA TYR A 151 -18.50 11.50 18.72
C TYR A 151 -17.31 11.92 19.57
N GLU A 152 -17.07 11.18 20.64
CA GLU A 152 -15.94 11.46 21.51
C GLU A 152 -15.08 10.22 21.56
N GLY A 153 -13.81 10.36 21.22
CA GLY A 153 -12.92 9.22 21.28
C GLY A 153 -11.89 9.34 22.36
N GLU A 154 -11.33 8.22 22.76
CA GLU A 154 -10.27 8.19 23.79
C GLU A 154 -9.23 7.26 23.18
N PHE A 155 -8.31 7.83 22.43
CA PHE A 155 -7.29 7.05 21.75
C PHE A 155 -6.04 6.74 22.56
N LYS A 156 -5.49 5.55 22.34
CA LYS A 156 -4.29 5.11 23.03
C LYS A 156 -3.02 5.62 22.36
N ASN A 157 -3.14 6.76 21.66
CA ASN A 157 -1.98 7.33 21.00
C ASN A 157 -1.98 8.85 21.19
N PHE A 158 -1.19 9.56 20.38
CA PHE A 158 -1.10 11.01 20.50
C PHE A 158 -2.44 11.73 20.42
N LEU A 159 -3.43 11.11 19.79
CA LEU A 159 -4.76 11.73 19.65
C LEU A 159 -5.42 12.00 21.00
N GLY A 160 -5.16 11.12 21.96
CA GLY A 160 -5.75 11.27 23.28
C GLY A 160 -7.26 11.36 23.27
N ARG A 161 -7.79 12.33 24.00
CA ARG A 161 -9.24 12.54 24.08
C ARG A 161 -9.66 13.74 23.24
N GLN A 162 -10.58 13.50 22.30
CA GLN A 162 -11.07 14.57 21.46
C GLN A 162 -12.52 14.27 21.05
N LYS A 163 -13.25 15.30 20.67
CA LYS A 163 -14.63 15.12 20.27
C LYS A 163 -14.97 16.07 19.13
N PHE A 164 -16.04 15.74 18.40
CA PHE A 164 -16.48 16.56 17.29
C PHE A 164 -17.99 16.45 17.16
N THR A 165 -18.64 17.57 16.88
CA THR A 165 -20.08 17.59 16.74
C THR A 165 -20.55 18.03 15.36
N PHE A 166 -21.35 17.19 14.73
CA PHE A 166 -21.91 17.51 13.43
C PHE A 166 -23.31 18.05 13.67
N VAL A 167 -23.70 19.06 12.90
CA VAL A 167 -25.05 19.62 12.96
C VAL A 167 -25.46 19.88 11.51
N GLU A 168 -26.76 19.81 11.23
CA GLU A 168 -27.26 20.04 9.89
C GLU A 168 -26.67 21.29 9.27
N GLY A 169 -26.21 21.19 8.02
CA GLY A 169 -25.62 22.33 7.35
C GLY A 169 -24.10 22.28 7.32
N ASN A 170 -23.51 21.44 8.16
CA ASN A 170 -22.06 21.33 8.21
C ASN A 170 -21.57 20.03 7.58
N GLU A 171 -22.33 19.55 6.60
CA GLU A 171 -21.99 18.31 5.91
C GLU A 171 -20.56 18.29 5.39
N GLU A 172 -20.11 19.42 4.84
CA GLU A 172 -18.76 19.51 4.30
C GLU A 172 -17.66 19.28 5.32
N GLU A 173 -18.01 19.38 6.61
CA GLU A 173 -17.02 19.19 7.65
C GLU A 173 -16.69 17.74 7.97
N ILE A 174 -17.46 16.80 7.43
CA ILE A 174 -17.21 15.40 7.70
C ILE A 174 -17.07 14.49 6.47
N VAL A 175 -17.55 14.97 5.32
CA VAL A 175 -17.48 14.16 4.09
C VAL A 175 -16.08 13.96 3.53
N LEU A 176 -15.11 14.67 4.10
CA LEU A 176 -13.73 14.54 3.66
C LEU A 176 -12.90 13.72 4.63
N ALA A 177 -13.45 13.46 5.82
CA ALA A 177 -12.73 12.69 6.83
C ALA A 177 -12.56 11.24 6.39
N ARG A 178 -11.31 10.79 6.32
N ARG A 178 -11.30 10.85 6.39
CA ARG A 178 -10.99 9.47 5.93
CA ARG A 178 -11.01 9.50 6.05
C ARG A 178 -10.90 8.46 7.05
C ARG A 178 -11.01 8.70 7.36
N THR A 179 -11.12 7.34 6.67
CA THR A 179 -11.09 5.91 7.28
C THR A 179 -9.70 5.96 7.90
N PHE A 180 -9.57 5.47 9.11
CA PHE A 180 -8.25 5.42 9.66
C PHE A 180 -7.96 4.02 10.22
N ALA A 181 -6.69 3.82 10.58
CA ALA A 181 -6.20 2.57 11.14
C ALA A 181 -4.75 2.70 11.71
N PHE A 182 -4.72 2.29 13.02
CA PHE A 182 -3.63 2.13 14.02
C PHE A 182 -2.62 1.04 13.62
N ASP A 183 -1.35 1.37 13.41
CA ASP A 183 -0.41 0.33 12.97
C ASP A 183 -0.39 -0.97 13.75
N TRP A 184 -0.66 -0.89 15.06
CA TRP A 184 -0.65 -2.10 15.90
C TRP A 184 -1.86 -3.01 15.69
N GLU A 185 -2.77 -2.63 14.81
CA GLU A 185 -3.96 -3.44 14.56
C GLU A 185 -4.03 -4.01 13.15
N ILE A 186 -3.08 -3.61 12.30
CA ILE A 186 -3.07 -4.08 10.92
C ILE A 186 -2.88 -5.59 10.79
N GLU A 187 -2.01 -6.18 11.62
CA GLU A 187 -1.79 -7.62 11.55
C GLU A 187 -3.09 -8.36 11.82
N HIS A 188 -3.81 -7.94 12.85
CA HIS A 188 -5.08 -8.57 13.18
C HIS A 188 -6.05 -8.50 12.00
N ILE A 189 -6.27 -7.28 11.49
CA ILE A 189 -7.17 -7.09 10.38
C ILE A 189 -6.83 -7.99 9.19
N LYS A 190 -5.54 -8.07 8.87
CA LYS A 190 -5.08 -8.92 7.77
C LYS A 190 -5.33 -10.39 8.10
N LYS A 191 -5.09 -10.74 9.36
CA LYS A 191 -5.25 -12.11 9.83
C LYS A 191 -6.69 -12.62 9.74
N VAL A 192 -7.67 -11.73 9.95
CA VAL A 192 -9.06 -12.15 9.88
C VAL A 192 -9.67 -12.04 8.48
N GLY A 193 -8.81 -12.03 7.47
CA GLY A 193 -9.28 -11.97 6.09
C GLY A 193 -9.80 -10.61 5.64
N LEU A 194 -9.46 -9.55 6.35
CA LEU A 194 -9.93 -8.22 5.98
C LEU A 194 -8.78 -7.30 5.57
N GLY A 195 -9.12 -6.04 5.28
CA GLY A 195 -8.13 -5.05 4.90
C GLY A 195 -7.24 -5.35 3.71
N LYS A 196 -7.69 -6.24 2.82
CA LYS A 196 -6.90 -6.60 1.66
C LYS A 196 -6.65 -5.49 0.65
N GLY A 197 -7.54 -4.48 0.64
CA GLY A 197 -7.36 -3.38 -0.29
C GLY A 197 -6.86 -2.10 0.37
N GLY A 198 -6.56 -2.17 1.66
CA GLY A 198 -6.10 -0.98 2.35
C GLY A 198 -4.73 -0.50 1.91
N SER A 199 -4.56 0.82 1.86
CA SER A 199 -3.29 1.43 1.46
C SER A 199 -3.26 2.86 2.01
N LEU A 200 -2.12 3.52 1.93
CA LEU A 200 -2.03 4.89 2.42
C LEU A 200 -2.85 5.80 1.50
N LYS A 201 -3.39 5.23 0.43
CA LYS A 201 -4.22 6.01 -0.48
C LYS A 201 -5.68 6.05 -0.05
N ASN A 202 -6.14 5.04 0.66
CA ASN A 202 -7.53 5.03 1.12
C ASN A 202 -7.65 5.02 2.64
N THR A 203 -6.51 4.87 3.39
CA THR A 203 -6.63 4.93 4.85
C THR A 203 -5.53 5.59 5.65
N LEU A 204 -5.95 6.39 6.64
CA LEU A 204 -5.02 7.10 7.52
C LEU A 204 -4.42 6.10 8.49
N VAL A 205 -3.12 5.83 8.36
CA VAL A 205 -2.47 4.89 9.26
C VAL A 205 -1.75 5.67 10.35
N LEU A 206 -2.15 5.44 11.60
CA LEU A 206 -1.57 6.14 12.73
C LEU A 206 -0.78 5.23 13.66
N GLY A 207 0.31 5.74 14.20
CA GLY A 207 1.13 4.97 15.12
C GLY A 207 0.93 5.56 16.51
N LYS A 208 1.67 5.05 17.49
CA LYS A 208 1.54 5.56 18.85
C LYS A 208 1.80 7.06 18.92
N ASP A 209 2.67 7.56 18.05
CA ASP A 209 2.98 8.98 18.05
C ASP A 209 3.29 9.54 16.66
N LYS A 210 2.81 8.87 15.62
CA LYS A 210 3.08 9.34 14.26
C LYS A 210 1.96 9.07 13.26
N VAL A 211 2.04 9.75 12.13
CA VAL A 211 1.08 9.60 11.02
C VAL A 211 1.90 9.16 9.81
N TYR A 212 1.68 7.92 9.37
CA TYR A 212 2.45 7.40 8.24
C TYR A 212 2.19 8.10 6.91
N ASN A 213 0.93 8.43 6.62
CA ASN A 213 0.59 9.08 5.36
C ASN A 213 1.41 10.35 5.18
N PRO A 214 2.05 10.52 4.01
CA PRO A 214 2.84 11.73 3.78
C PRO A 214 1.99 13.00 3.77
N GLU A 215 0.73 12.87 3.36
CA GLU A 215 -0.16 14.04 3.33
C GLU A 215 -0.61 14.45 4.73
N GLY A 216 -0.39 13.58 5.71
CA GLY A 216 -0.80 13.89 7.08
C GLY A 216 -2.33 13.92 7.25
N LEU A 217 -2.79 14.48 8.37
CA LEU A 217 -4.22 14.55 8.64
C LEU A 217 -4.88 15.76 8.00
N ARG A 218 -6.09 15.66 7.49
N ARG A 218 -6.18 15.60 7.50
CA ARG A 218 -6.72 16.83 6.89
CA ARG A 218 -6.87 16.75 6.89
C ARG A 218 -7.16 17.78 8.01
C ARG A 218 -7.26 17.73 8.01
N TYR A 219 -7.48 17.21 9.17
CA TYR A 219 -7.88 17.97 10.35
C TYR A 219 -7.24 17.27 11.55
N GLU A 220 -6.85 18.03 12.57
CA GLU A 220 -6.23 17.42 13.73
C GLU A 220 -7.14 16.37 14.34
N ASN A 221 -8.44 16.48 14.10
CA ASN A 221 -9.40 15.50 14.64
C ASN A 221 -10.11 14.71 13.54
N GLU A 222 -9.44 14.47 12.43
CA GLU A 222 -10.04 13.73 11.32
C GLU A 222 -10.64 12.38 11.75
N PRO A 223 -9.98 11.66 12.67
CA PRO A 223 -10.53 10.37 13.09
C PRO A 223 -11.92 10.46 13.71
N VAL A 224 -12.13 11.41 14.64
CA VAL A 224 -13.45 11.52 15.25
C VAL A 224 -14.47 12.03 14.24
N ARG A 225 -14.03 12.84 13.28
CA ARG A 225 -14.94 13.34 12.26
C ARG A 225 -15.41 12.16 11.42
N HIS A 226 -14.49 11.23 11.14
CA HIS A 226 -14.85 10.07 10.35
C HIS A 226 -15.82 9.17 11.11
N LYS A 227 -15.62 9.04 12.41
CA LYS A 227 -16.49 8.22 13.24
C LYS A 227 -17.92 8.76 13.17
N VAL A 228 -18.04 10.09 13.16
CA VAL A 228 -19.34 10.73 13.07
C VAL A 228 -19.92 10.38 11.70
N PHE A 229 -19.07 10.41 10.68
CA PHE A 229 -19.48 10.09 9.31
C PHE A 229 -19.99 8.65 9.27
N ASP A 230 -19.26 7.72 9.90
CA ASP A 230 -19.67 6.32 9.94
C ASP A 230 -21.03 6.14 10.62
N LEU A 231 -21.18 6.74 11.79
CA LEU A 231 -22.42 6.64 12.55
C LEU A 231 -23.63 7.14 11.75
N ILE A 232 -23.43 8.24 11.02
CA ILE A 232 -24.52 8.79 10.23
C ILE A 232 -24.93 7.81 9.13
N GLY A 233 -23.97 7.03 8.62
CA GLY A 233 -24.30 6.07 7.60
C GLY A 233 -25.07 4.90 8.21
N ASP A 234 -24.62 4.43 9.36
CA ASP A 234 -25.30 3.33 10.03
C ASP A 234 -26.71 3.74 10.48
N LEU A 235 -26.89 5.01 10.83
CA LEU A 235 -28.19 5.48 11.28
C LEU A 235 -29.24 5.41 10.17
N TYR A 236 -28.79 5.53 8.91
CA TYR A 236 -29.70 5.49 7.79
C TYR A 236 -30.29 4.10 7.64
N LEU A 237 -29.71 3.12 8.35
CA LEU A 237 -30.22 1.76 8.29
C LEU A 237 -31.62 1.72 8.94
N LEU A 238 -32.04 2.85 9.51
CA LEU A 238 -33.36 2.94 10.14
C LEU A 238 -34.43 2.99 9.05
N GLY A 239 -34.00 3.17 7.80
CA GLY A 239 -34.94 3.19 6.70
C GLY A 239 -35.43 4.56 6.24
N SER A 240 -35.10 5.60 6.99
CA SER A 240 -35.52 6.95 6.63
C SER A 240 -34.56 7.97 7.20
N PRO A 241 -34.54 9.19 6.64
CA PRO A 241 -33.63 10.23 7.17
C PRO A 241 -33.98 10.40 8.64
N VAL A 242 -32.97 10.62 9.47
CA VAL A 242 -33.18 10.71 10.92
C VAL A 242 -33.11 12.09 11.56
N LYS A 243 -33.97 12.31 12.56
CA LYS A 243 -33.99 13.56 13.30
C LYS A 243 -33.80 13.19 14.77
N GLY A 244 -32.67 13.61 15.34
CA GLY A 244 -32.37 13.29 16.72
C GLY A 244 -30.98 13.74 17.11
N LYS A 245 -30.72 13.77 18.41
CA LYS A 245 -29.41 14.18 18.94
C LYS A 245 -28.71 12.92 19.43
N PHE A 246 -27.51 12.68 18.91
CA PHE A 246 -26.75 11.49 19.29
C PHE A 246 -25.37 11.83 19.86
N TYR A 247 -24.97 11.04 20.86
CA TYR A 247 -23.68 11.19 21.49
C TYR A 247 -23.05 9.81 21.57
N SER A 248 -21.93 9.64 20.89
CA SER A 248 -21.24 8.36 20.90
C SER A 248 -19.87 8.48 21.56
N PHE A 249 -19.63 7.64 22.57
CA PHE A 249 -18.36 7.64 23.26
C PHE A 249 -17.66 6.32 22.91
N ARG A 250 -16.64 6.40 22.06
CA ARG A 250 -15.88 5.24 21.63
C ARG A 250 -16.75 4.22 20.90
N GLY A 251 -17.82 4.71 20.27
CA GLY A 251 -18.69 3.81 19.53
C GLY A 251 -18.10 3.30 18.23
N GLY A 252 -18.65 2.19 17.75
CA GLY A 252 -18.22 1.59 16.51
C GLY A 252 -19.45 1.01 15.81
N HIS A 253 -19.26 0.45 14.62
CA HIS A 253 -20.37 -0.12 13.87
C HIS A 253 -21.25 -1.07 14.68
N SER A 254 -20.63 -1.98 15.44
CA SER A 254 -21.41 -2.93 16.23
C SER A 254 -22.36 -2.21 17.17
N LEU A 255 -21.86 -1.24 17.92
CA LEU A 255 -22.71 -0.50 18.85
C LEU A 255 -23.70 0.37 18.08
N ASN A 256 -23.27 0.92 16.94
CA ASN A 256 -24.16 1.77 16.14
C ASN A 256 -25.39 0.98 15.70
N VAL A 257 -25.17 -0.23 15.19
CA VAL A 257 -26.27 -1.06 14.73
C VAL A 257 -27.12 -1.51 15.92
N LYS A 258 -26.48 -1.71 17.06
CA LYS A 258 -27.21 -2.12 18.26
C LYS A 258 -28.21 -1.03 18.59
N LEU A 259 -27.74 0.22 18.56
CA LEU A 259 -28.60 1.36 18.85
C LEU A 259 -29.73 1.42 17.84
N VAL A 260 -29.39 1.27 16.57
CA VAL A 260 -30.39 1.31 15.51
C VAL A 260 -31.49 0.27 15.73
N LYS A 261 -31.10 -0.96 16.06
CA LYS A 261 -32.08 -2.02 16.29
C LYS A 261 -32.96 -1.74 17.49
N GLU A 262 -32.40 -1.13 18.54
CA GLU A 262 -33.18 -0.82 19.72
C GLU A 262 -34.16 0.31 19.43
N LEU A 263 -33.70 1.31 18.69
CA LEU A 263 -34.56 2.43 18.33
C LEU A 263 -35.73 1.93 17.49
N ALA A 264 -35.42 1.09 16.49
CA ALA A 264 -36.45 0.54 15.61
C ALA A 264 -37.44 -0.28 16.43
N LYS A 265 -36.91 -1.04 17.39
CA LYS A 265 -37.72 -1.89 18.24
C LYS A 265 -38.74 -1.07 19.03
N LYS A 266 -38.24 -0.06 19.76
CA LYS A 266 -39.12 0.80 20.55
C LYS A 266 -40.17 1.50 19.70
N GLN A 267 -39.76 1.98 18.54
CA GLN A 267 -40.65 2.67 17.63
C GLN A 267 -41.04 1.79 16.45
N GLY B 2 34.65 -18.90 -17.12
CA GLY B 2 33.35 -19.08 -17.81
C GLY B 2 33.31 -18.25 -19.08
N LEU B 3 32.36 -18.55 -19.96
CA LEU B 3 32.22 -17.84 -21.23
C LEU B 3 31.24 -16.68 -21.11
N GLU B 4 31.50 -15.61 -21.86
CA GLU B 4 30.59 -14.46 -21.84
C GLU B 4 29.22 -14.97 -22.28
N LYS B 5 28.17 -14.29 -21.81
CA LYS B 5 26.82 -14.67 -22.16
C LYS B 5 25.91 -13.48 -22.41
N THR B 6 24.81 -13.74 -23.13
CA THR B 6 23.80 -12.75 -23.43
C THR B 6 22.49 -13.53 -23.42
N VAL B 7 21.40 -12.88 -23.82
CA VAL B 7 20.12 -13.58 -23.85
C VAL B 7 19.82 -14.03 -25.28
N LYS B 8 19.12 -15.15 -25.41
CA LYS B 8 18.79 -15.70 -26.71
C LYS B 8 17.83 -14.83 -27.50
N GLU B 9 17.01 -14.06 -26.80
CA GLU B 9 16.04 -13.18 -27.45
C GLU B 9 15.60 -12.05 -26.51
N LYS B 10 14.99 -11.02 -27.07
CA LYS B 10 14.51 -9.90 -26.28
C LYS B 10 13.56 -10.38 -25.18
N LEU B 11 13.76 -9.85 -23.97
CA LEU B 11 12.93 -10.21 -22.84
C LEU B 11 12.35 -8.88 -22.32
N SER B 12 11.11 -8.89 -21.87
CA SER B 12 10.51 -7.66 -21.37
C SER B 12 9.83 -7.84 -20.02
N PHE B 13 9.86 -6.77 -19.23
CA PHE B 13 9.23 -6.76 -17.92
C PHE B 13 8.62 -5.38 -17.75
N GLU B 14 7.60 -5.28 -16.91
CA GLU B 14 6.94 -4.01 -16.67
C GLU B 14 6.29 -3.97 -15.31
N GLY B 15 6.08 -2.75 -14.80
CA GLY B 15 5.44 -2.60 -13.51
C GLY B 15 5.83 -1.27 -12.89
N VAL B 16 5.28 -1.02 -11.71
CA VAL B 16 5.55 0.22 -10.99
C VAL B 16 6.97 0.23 -10.43
N GLY B 17 7.53 1.43 -10.30
CA GLY B 17 8.86 1.59 -9.74
C GLY B 17 8.62 1.83 -8.26
N ILE B 18 9.41 1.19 -7.39
CA ILE B 18 9.17 1.33 -5.95
C ILE B 18 9.32 2.76 -5.44
N HIS B 19 10.25 3.52 -6.00
CA HIS B 19 10.44 4.90 -5.54
C HIS B 19 9.60 5.95 -6.26
N THR B 20 9.58 5.90 -7.59
CA THR B 20 8.83 6.88 -8.37
C THR B 20 7.33 6.64 -8.33
N GLY B 21 6.93 5.39 -8.14
CA GLY B 21 5.51 5.07 -8.12
C GLY B 21 4.93 5.15 -9.52
N GLU B 22 5.82 5.23 -10.52
CA GLU B 22 5.39 5.31 -11.92
C GLU B 22 5.56 3.96 -12.61
N TYR B 23 4.78 3.75 -13.66
CA TYR B 23 4.84 2.53 -14.44
C TYR B 23 6.01 2.62 -15.43
N SER B 24 6.82 1.57 -15.48
CA SER B 24 7.94 1.56 -16.41
C SER B 24 8.04 0.19 -17.07
N LYS B 25 8.75 0.13 -18.19
CA LYS B 25 8.93 -1.11 -18.91
C LYS B 25 10.39 -1.30 -19.31
N LEU B 26 10.83 -2.55 -19.28
CA LEU B 26 12.19 -2.90 -19.67
C LEU B 26 12.18 -3.82 -20.86
N ILE B 27 13.24 -3.74 -21.65
CA ILE B 27 13.40 -4.61 -22.81
C ILE B 27 14.88 -4.97 -22.80
N ILE B 28 15.18 -6.23 -22.51
CA ILE B 28 16.55 -6.68 -22.47
C ILE B 28 16.95 -7.16 -23.86
N HIS B 29 17.91 -6.44 -24.45
CA HIS B 29 18.40 -6.73 -25.81
C HIS B 29 19.70 -7.54 -25.83
N PRO B 30 19.76 -8.54 -26.71
CA PRO B 30 20.99 -9.35 -26.80
C PRO B 30 22.08 -8.44 -27.38
N GLU B 31 23.34 -8.73 -27.06
CA GLU B 31 24.46 -7.95 -27.59
C GLU B 31 25.63 -8.88 -27.83
N LYS B 32 26.51 -8.49 -28.77
CA LYS B 32 27.68 -9.31 -29.11
C LYS B 32 28.76 -9.27 -28.03
N GLU B 33 29.76 -10.14 -28.19
CA GLU B 33 30.87 -10.22 -27.25
C GLU B 33 31.58 -8.88 -27.07
N GLY B 34 32.03 -8.62 -25.85
CA GLY B 34 32.75 -7.38 -25.55
C GLY B 34 31.88 -6.15 -25.40
N THR B 35 30.56 -6.31 -25.46
CA THR B 35 29.66 -5.16 -25.32
C THR B 35 29.57 -4.68 -23.87
N GLY B 36 29.45 -5.64 -22.95
CA GLY B 36 29.33 -5.28 -21.55
C GLY B 36 27.87 -5.06 -21.21
N ILE B 37 27.60 -4.68 -19.98
CA ILE B 37 26.23 -4.41 -19.53
C ILE B 37 25.97 -2.92 -19.56
N ARG B 38 24.88 -2.51 -20.20
CA ARG B 38 24.55 -1.10 -20.27
C ARG B 38 23.05 -0.88 -20.37
N PHE B 39 22.60 0.28 -19.91
CA PHE B 39 21.19 0.61 -19.99
C PHE B 39 21.01 1.55 -21.18
N PHE B 40 19.77 1.71 -21.61
CA PHE B 40 19.45 2.59 -22.73
C PHE B 40 18.15 3.32 -22.41
N LYS B 41 18.19 4.64 -22.43
CA LYS B 41 17.01 5.45 -22.14
C LYS B 41 17.05 6.75 -22.93
N ASN B 42 15.98 7.03 -23.67
CA ASN B 42 15.90 8.25 -24.48
C ASN B 42 17.13 8.49 -25.33
N GLY B 43 17.55 7.46 -26.07
CA GLY B 43 18.70 7.58 -26.96
C GLY B 43 20.07 7.65 -26.31
N VAL B 44 20.13 7.45 -25.00
CA VAL B 44 21.40 7.52 -24.30
C VAL B 44 21.79 6.18 -23.67
N TYR B 45 23.02 5.76 -23.93
CA TYR B 45 23.52 4.51 -23.35
C TYR B 45 24.20 4.83 -22.04
N ILE B 46 23.77 4.14 -20.98
CA ILE B 46 24.36 4.33 -19.66
C ILE B 46 25.00 3.03 -19.23
N PRO B 47 26.34 2.97 -19.24
CA PRO B 47 27.08 1.75 -18.84
C PRO B 47 26.78 1.40 -17.38
N ALA B 48 26.69 0.10 -17.10
CA ALA B 48 26.43 -0.33 -15.73
C ALA B 48 27.77 -0.33 -14.99
N ARG B 49 28.32 0.85 -14.78
CA ARG B 49 29.60 1.02 -14.12
C ARG B 49 29.54 2.10 -13.05
N HIS B 50 30.42 2.01 -12.07
CA HIS B 50 30.45 2.94 -10.94
C HIS B 50 30.60 4.42 -11.30
N GLU B 51 31.23 4.72 -12.44
CA GLU B 51 31.39 6.12 -12.82
C GLU B 51 30.07 6.82 -13.11
N PHE B 52 29.02 6.04 -13.38
CA PHE B 52 27.72 6.64 -13.69
C PHE B 52 26.71 6.64 -12.54
N VAL B 53 27.14 6.25 -11.36
CA VAL B 53 26.26 6.27 -10.20
C VAL B 53 26.02 7.73 -9.82
N VAL B 54 24.77 8.09 -9.60
CA VAL B 54 24.44 9.47 -9.23
C VAL B 54 23.69 9.58 -7.89
N HIS B 55 23.21 8.45 -7.37
CA HIS B 55 22.47 8.46 -6.12
C HIS B 55 22.52 7.06 -5.48
N THR B 56 22.71 7.00 -4.17
CA THR B 56 22.77 5.70 -3.49
C THR B 56 21.95 5.62 -2.20
N ASN B 57 21.04 6.57 -1.98
CA ASN B 57 20.20 6.54 -0.79
C ASN B 57 18.87 5.85 -1.08
N HIS B 58 18.70 4.65 -0.54
CA HIS B 58 17.48 3.87 -0.71
C HIS B 58 17.39 3.13 -2.04
N SER B 59 18.43 3.25 -2.85
CA SER B 59 18.52 2.56 -4.14
C SER B 59 19.80 3.00 -4.84
N THR B 60 20.20 2.24 -5.84
CA THR B 60 21.40 2.58 -6.60
C THR B 60 20.90 3.14 -7.92
N ASP B 61 21.19 4.42 -8.19
CA ASP B 61 20.72 5.06 -9.41
C ASP B 61 21.88 5.45 -10.33
N LEU B 62 21.65 5.36 -11.64
CA LEU B 62 22.68 5.69 -12.63
C LEU B 62 22.18 6.83 -13.52
N GLY B 63 23.13 7.53 -14.14
CA GLY B 63 22.76 8.62 -15.03
C GLY B 63 23.90 9.03 -15.94
N PHE B 64 23.53 9.61 -17.08
CA PHE B 64 24.52 10.09 -18.05
C PHE B 64 23.81 11.02 -19.02
N LYS B 65 24.49 12.12 -19.36
CA LYS B 65 23.93 13.10 -20.30
C LYS B 65 22.48 13.48 -20.04
N GLY B 66 22.15 13.71 -18.78
CA GLY B 66 20.80 14.12 -18.42
C GLY B 66 19.75 13.03 -18.32
N GLN B 67 20.13 11.77 -18.51
CA GLN B 67 19.17 10.68 -18.42
C GLN B 67 19.48 9.83 -17.19
N ARG B 68 18.48 9.65 -16.33
CA ARG B 68 18.67 8.90 -15.09
C ARG B 68 17.77 7.67 -14.99
N ILE B 69 18.26 6.66 -14.29
CA ILE B 69 17.53 5.42 -14.08
C ILE B 69 17.71 5.02 -12.61
N LYS B 70 16.60 4.97 -11.87
CA LYS B 70 16.65 4.60 -10.46
C LYS B 70 16.51 3.10 -10.24
N THR B 71 17.09 2.64 -9.14
CA THR B 71 16.96 1.25 -8.70
C THR B 71 17.44 0.16 -9.66
N VAL B 72 18.72 0.18 -10.00
CA VAL B 72 19.26 -0.81 -10.92
C VAL B 72 19.86 -2.02 -10.21
N GLU B 73 19.94 -1.97 -8.88
CA GLU B 73 20.56 -3.06 -8.12
C GLU B 73 20.03 -4.48 -8.29
N HIS B 74 18.72 -4.64 -8.41
CA HIS B 74 18.15 -5.99 -8.53
C HIS B 74 18.38 -6.61 -9.90
N ILE B 75 18.13 -5.86 -10.96
CA ILE B 75 18.36 -6.42 -12.28
C ILE B 75 19.87 -6.66 -12.46
N LEU B 76 20.71 -5.78 -11.93
CA LEU B 76 22.16 -6.00 -12.07
C LEU B 76 22.63 -7.21 -11.26
N SER B 77 22.04 -7.44 -10.09
CA SER B 77 22.43 -8.58 -9.27
C SER B 77 22.16 -9.89 -10.00
N VAL B 78 20.97 -9.99 -10.58
CA VAL B 78 20.57 -11.19 -11.32
C VAL B 78 21.49 -11.41 -12.52
N LEU B 79 21.80 -10.34 -13.23
CA LEU B 79 22.69 -10.44 -14.39
C LEU B 79 24.07 -10.93 -13.95
N HIS B 80 24.54 -10.40 -12.82
CA HIS B 80 25.83 -10.77 -12.26
C HIS B 80 25.85 -12.26 -11.87
N LEU B 81 24.81 -12.68 -11.16
CA LEU B 81 24.68 -14.07 -10.69
C LEU B 81 24.62 -15.07 -11.85
N LEU B 82 24.02 -14.67 -12.96
CA LEU B 82 23.91 -15.57 -14.11
C LEU B 82 25.05 -15.37 -15.10
N GLU B 83 25.97 -14.48 -14.75
CA GLU B 83 27.10 -14.16 -15.59
C GLU B 83 26.72 -13.61 -16.97
N ILE B 84 25.60 -12.92 -17.07
CA ILE B 84 25.22 -12.31 -18.34
C ILE B 84 26.15 -11.11 -18.47
N THR B 85 27.03 -11.12 -19.47
CA THR B 85 28.01 -10.06 -19.64
C THR B 85 27.74 -9.07 -20.77
N ASN B 86 26.86 -9.42 -21.69
CA ASN B 86 26.54 -8.55 -22.81
C ASN B 86 25.04 -8.43 -23.05
N VAL B 87 24.48 -7.27 -22.72
CA VAL B 87 23.06 -7.00 -22.92
C VAL B 87 22.80 -5.51 -22.77
N THR B 88 21.71 -5.07 -23.37
CA THR B 88 21.31 -3.68 -23.27
C THR B 88 19.94 -3.69 -22.60
N ILE B 89 19.86 -3.03 -21.45
CA ILE B 89 18.60 -2.96 -20.73
C ILE B 89 17.94 -1.64 -21.11
N GLU B 90 17.03 -1.70 -22.08
CA GLU B 90 16.33 -0.50 -22.51
C GLU B 90 15.26 -0.22 -21.49
N VAL B 91 15.24 1.02 -21.00
CA VAL B 91 14.26 1.42 -20.00
C VAL B 91 13.33 2.49 -20.51
N ILE B 92 12.04 2.19 -20.49
CA ILE B 92 11.02 3.14 -20.91
C ILE B 92 10.41 3.57 -19.59
N GLY B 93 10.94 4.66 -19.03
CA GLY B 93 10.48 5.15 -17.75
C GLY B 93 11.67 5.71 -17.01
N ASN B 94 11.51 5.97 -15.72
CA ASN B 94 12.57 6.54 -14.93
C ASN B 94 13.14 5.63 -13.85
N GLU B 95 12.65 4.39 -13.82
CA GLU B 95 13.10 3.45 -12.81
C GLU B 95 12.86 2.01 -13.23
N ILE B 96 13.67 1.10 -12.72
CA ILE B 96 13.50 -0.32 -13.03
C ILE B 96 12.30 -0.79 -12.22
N PRO B 97 11.38 -1.56 -12.84
CA PRO B 97 10.20 -2.06 -12.11
C PRO B 97 10.66 -2.87 -10.91
N ILE B 98 9.98 -2.71 -9.78
CA ILE B 98 10.35 -3.42 -8.56
C ILE B 98 9.79 -4.85 -8.52
N LEU B 99 8.68 -5.06 -9.21
CA LEU B 99 8.01 -6.34 -9.26
C LEU B 99 7.65 -6.79 -7.84
N ASP B 100 8.07 -7.98 -7.41
CA ASP B 100 7.72 -8.40 -6.05
C ASP B 100 8.76 -8.00 -5.01
N GLY B 101 9.76 -7.23 -5.43
CA GLY B 101 10.78 -6.78 -4.50
C GLY B 101 12.03 -7.63 -4.49
N SER B 102 11.99 -8.76 -5.20
CA SER B 102 13.13 -9.66 -5.27
C SER B 102 13.59 -9.76 -6.74
N GLY B 103 14.56 -10.63 -7.00
CA GLY B 103 15.03 -10.78 -8.37
C GLY B 103 14.46 -12.04 -9.03
N TRP B 104 13.50 -12.67 -8.37
CA TRP B 104 12.93 -13.92 -8.88
C TRP B 104 12.44 -13.90 -10.33
N GLU B 105 11.55 -12.98 -10.65
CA GLU B 105 11.01 -12.91 -12.00
C GLU B 105 12.13 -12.72 -13.03
N PHE B 106 13.06 -11.81 -12.75
CA PHE B 106 14.19 -11.55 -13.63
C PHE B 106 15.03 -12.81 -13.80
N TYR B 107 15.35 -13.44 -12.66
CA TYR B 107 16.18 -14.64 -12.64
C TYR B 107 15.59 -15.80 -13.44
N GLU B 108 14.31 -16.10 -13.23
CA GLU B 108 13.66 -17.20 -13.95
C GLU B 108 13.60 -16.98 -15.46
N ALA B 109 13.23 -15.78 -15.87
CA ALA B 109 13.11 -15.49 -17.29
C ALA B 109 14.47 -15.50 -17.99
N ILE B 110 15.45 -14.82 -17.39
CA ILE B 110 16.79 -14.75 -17.98
C ILE B 110 17.51 -16.10 -17.98
N ARG B 111 17.40 -16.85 -16.89
CA ARG B 111 18.06 -18.14 -16.79
C ARG B 111 17.68 -19.10 -17.92
N LYS B 112 16.42 -19.06 -18.34
CA LYS B 112 15.93 -19.93 -19.41
C LYS B 112 16.32 -19.43 -20.80
N ASN B 113 16.94 -18.26 -20.86
CA ASN B 113 17.31 -17.68 -22.14
C ASN B 113 18.78 -17.33 -22.25
N ILE B 114 19.63 -18.09 -21.56
CA ILE B 114 21.06 -17.83 -21.60
C ILE B 114 21.68 -18.32 -22.91
N LEU B 115 22.56 -17.50 -23.47
CA LEU B 115 23.24 -17.84 -24.71
C LEU B 115 24.74 -17.63 -24.53
N ASN B 116 25.50 -18.74 -24.51
CA ASN B 116 26.94 -18.66 -24.35
C ASN B 116 27.55 -18.07 -25.60
N GLN B 117 28.60 -17.29 -25.43
CA GLN B 117 29.27 -16.63 -26.54
C GLN B 117 30.69 -17.08 -26.75
N ASN B 118 31.42 -16.40 -27.63
CA ASN B 118 32.78 -16.82 -27.96
C ASN B 118 33.97 -16.13 -27.30
N ARG B 119 33.88 -15.89 -26.01
CA ARG B 119 34.98 -15.29 -25.27
C ARG B 119 35.00 -15.74 -23.83
N GLU B 120 36.19 -15.88 -23.26
CA GLU B 120 36.32 -16.24 -21.86
C GLU B 120 36.07 -14.92 -21.13
N ILE B 121 35.23 -14.95 -20.10
CA ILE B 121 34.92 -13.75 -19.34
C ILE B 121 36.20 -13.18 -18.74
N ASP B 122 36.32 -11.86 -18.73
CA ASP B 122 37.46 -11.22 -18.12
C ASP B 122 36.94 -10.70 -16.77
N TYR B 123 37.10 -11.52 -15.74
CA TYR B 123 36.63 -11.17 -14.41
C TYR B 123 37.41 -10.09 -13.70
N PHE B 124 36.73 -9.34 -12.83
CA PHE B 124 37.41 -8.33 -12.04
C PHE B 124 37.81 -9.16 -10.83
N VAL B 125 39.12 -9.31 -10.62
CA VAL B 125 39.62 -10.12 -9.52
C VAL B 125 40.26 -9.27 -8.42
N VAL B 126 39.71 -9.38 -7.21
CA VAL B 126 40.25 -8.63 -6.08
C VAL B 126 41.67 -9.15 -5.89
N GLU B 127 42.63 -8.23 -5.95
CA GLU B 127 44.04 -8.58 -5.83
C GLU B 127 44.54 -8.59 -4.38
N GLU B 128 44.15 -7.58 -3.62
CA GLU B 128 44.58 -7.51 -2.22
C GLU B 128 43.44 -7.07 -1.31
N PRO B 129 43.53 -7.40 -0.02
CA PRO B 129 42.51 -7.03 0.95
C PRO B 129 42.29 -5.52 1.01
N ILE B 130 41.06 -5.13 1.30
CA ILE B 130 40.72 -3.71 1.42
C ILE B 130 39.51 -3.57 2.33
N ILE B 131 39.48 -2.50 3.11
CA ILE B 131 38.37 -2.24 4.01
C ILE B 131 37.88 -0.81 3.90
N VAL B 132 36.56 -0.63 3.82
CA VAL B 132 35.97 0.69 3.78
C VAL B 132 35.01 0.76 4.97
N GLU B 133 34.94 1.92 5.61
CA GLU B 133 34.06 2.06 6.77
C GLU B 133 33.29 3.36 6.75
N ASP B 134 32.25 3.41 7.58
CA ASP B 134 31.40 4.59 7.70
C ASP B 134 30.52 4.45 8.93
N GLU B 135 30.83 5.24 9.96
CA GLU B 135 30.08 5.22 11.21
C GLU B 135 29.55 3.84 11.57
N GLY B 136 30.43 3.00 12.10
CA GLY B 136 30.02 1.66 12.49
C GLY B 136 29.91 0.66 11.35
N ARG B 137 29.54 1.13 10.17
CA ARG B 137 29.39 0.24 9.01
C ARG B 137 30.76 -0.11 8.43
N LEU B 138 30.90 -1.34 7.96
CA LEU B 138 32.16 -1.77 7.39
C LEU B 138 32.00 -2.86 6.32
N ILE B 139 32.86 -2.81 5.31
CA ILE B 139 32.86 -3.81 4.26
C ILE B 139 34.31 -4.16 3.97
N LYS B 140 34.60 -5.46 3.94
CA LYS B 140 35.94 -5.93 3.66
C LYS B 140 35.94 -6.80 2.41
N ALA B 141 36.95 -6.64 1.59
CA ALA B 141 37.07 -7.44 0.37
C ALA B 141 38.46 -8.05 0.34
N GLU B 142 38.55 -9.30 -0.11
CA GLU B 142 39.85 -9.97 -0.19
C GLU B 142 39.84 -10.98 -1.34
N PRO B 143 41.04 -11.40 -1.79
CA PRO B 143 41.20 -12.35 -2.89
C PRO B 143 40.46 -13.66 -2.70
N SER B 144 39.96 -14.22 -3.81
CA SER B 144 39.23 -15.47 -3.79
C SER B 144 38.95 -15.92 -5.22
N ASP B 145 39.08 -17.21 -5.47
CA ASP B 145 38.84 -17.76 -6.81
C ASP B 145 37.36 -17.77 -7.11
N THR B 146 36.54 -17.70 -6.07
CA THR B 146 35.10 -17.72 -6.23
C THR B 146 34.47 -16.48 -5.61
N LEU B 147 33.26 -16.14 -6.03
CA LEU B 147 32.58 -14.99 -5.46
C LEU B 147 31.90 -15.46 -4.18
N GLU B 148 32.27 -14.86 -3.06
CA GLU B 148 31.70 -15.21 -1.76
C GLU B 148 31.28 -13.91 -1.10
N VAL B 149 30.01 -13.81 -0.74
CA VAL B 149 29.52 -12.58 -0.14
C VAL B 149 28.76 -12.85 1.15
N THR B 150 29.26 -12.26 2.24
CA THR B 150 28.64 -12.41 3.55
C THR B 150 28.12 -11.06 4.04
N TYR B 151 26.89 -11.04 4.53
CA TYR B 151 26.34 -9.80 5.08
C TYR B 151 25.91 -10.08 6.53
N GLU B 152 26.32 -9.20 7.42
CA GLU B 152 25.94 -9.33 8.81
C GLU B 152 25.21 -8.05 9.24
N GLY B 153 24.00 -8.22 9.73
CA GLY B 153 23.22 -7.09 10.18
C GLY B 153 23.11 -7.04 11.68
N GLU B 154 22.87 -5.85 12.20
CA GLU B 154 22.71 -5.60 13.63
C GLU B 154 21.46 -4.73 13.70
N PHE B 155 20.30 -5.39 13.66
CA PHE B 155 19.03 -4.67 13.64
C PHE B 155 18.50 -4.28 15.02
N LYS B 156 17.82 -3.14 15.06
CA LYS B 156 17.24 -2.61 16.29
C LYS B 156 15.81 -3.08 16.49
N ASN B 157 15.50 -4.28 15.99
CA ASN B 157 14.18 -4.85 16.15
C ASN B 157 14.38 -6.34 16.45
N PHE B 158 13.34 -7.14 16.32
CA PHE B 158 13.43 -8.57 16.63
C PHE B 158 14.50 -9.36 15.85
N LEU B 159 14.92 -8.86 14.70
CA LEU B 159 15.93 -9.54 13.90
C LEU B 159 17.26 -9.67 14.62
N GLY B 160 17.60 -8.64 15.41
CA GLY B 160 18.85 -8.66 16.15
C GLY B 160 20.08 -8.79 15.27
N ARG B 161 21.01 -9.64 15.67
CA ARG B 161 22.24 -9.87 14.92
C ARG B 161 22.11 -11.12 14.07
N GLN B 162 22.06 -10.93 12.76
CA GLN B 162 21.90 -12.00 11.79
C GLN B 162 23.03 -11.97 10.78
N LYS B 163 23.29 -13.11 10.14
CA LYS B 163 24.38 -13.22 9.18
C LYS B 163 24.04 -14.26 8.11
N PHE B 164 24.42 -13.98 6.86
CA PHE B 164 24.15 -14.92 5.76
C PHE B 164 25.29 -14.87 4.75
N THR B 165 25.68 -16.03 4.25
CA THR B 165 26.75 -16.11 3.27
C THR B 165 26.33 -16.74 1.94
N PHE B 166 26.58 -16.01 0.85
CA PHE B 166 26.31 -16.52 -0.48
C PHE B 166 27.62 -17.07 -1.04
N VAL B 167 27.54 -18.20 -1.73
CA VAL B 167 28.70 -18.79 -2.38
C VAL B 167 28.19 -19.24 -3.73
N GLU B 168 29.06 -19.29 -4.73
CA GLU B 168 28.66 -19.72 -6.07
C GLU B 168 27.92 -21.05 -6.03
N GLY B 169 26.83 -21.13 -6.79
CA GLY B 169 26.04 -22.34 -6.82
C GLY B 169 24.78 -22.23 -5.97
N ASN B 170 24.74 -21.24 -5.07
CA ASN B 170 23.56 -21.05 -4.21
C ASN B 170 22.77 -19.80 -4.59
N GLU B 171 22.78 -19.45 -5.87
CA GLU B 171 22.06 -18.29 -6.34
C GLU B 171 20.58 -18.31 -5.94
N GLU B 172 19.96 -19.48 -6.01
CA GLU B 172 18.55 -19.59 -5.69
C GLU B 172 18.21 -19.28 -4.24
N GLU B 173 19.22 -19.21 -3.37
CA GLU B 173 18.97 -18.90 -1.97
C GLU B 173 18.82 -17.42 -1.69
N ILE B 174 19.12 -16.57 -2.68
CA ILE B 174 19.00 -15.13 -2.47
C ILE B 174 18.11 -14.39 -3.47
N VAL B 175 17.82 -15.01 -4.61
CA VAL B 175 17.02 -14.33 -5.63
C VAL B 175 15.55 -14.17 -5.27
N LEU B 176 15.13 -14.79 -4.17
CA LEU B 176 13.76 -14.69 -3.72
C LEU B 176 13.60 -13.72 -2.55
N ALA B 177 14.72 -13.35 -1.93
CA ALA B 177 14.69 -12.43 -0.78
C ALA B 177 14.22 -11.04 -1.25
N ARG B 178 13.13 -10.56 -0.65
N ARG B 178 13.11 -10.58 -0.67
CA ARG B 178 12.57 -9.27 -1.06
CA ARG B 178 12.50 -9.30 -1.04
C ARG B 178 13.06 -8.04 -0.30
C ARG B 178 13.02 -8.07 -0.31
N THR B 179 12.86 -6.89 -0.94
CA THR B 179 13.21 -5.59 -0.41
C THR B 179 12.47 -5.44 0.93
N PHE B 180 13.08 -4.76 1.89
CA PHE B 180 12.45 -4.56 3.19
C PHE B 180 12.69 -3.16 3.73
N ALA B 181 11.85 -2.74 4.66
CA ALA B 181 11.96 -1.43 5.30
C ALA B 181 11.31 -1.52 6.68
N PHE B 182 11.71 -0.65 7.60
CA PHE B 182 11.13 -0.64 8.93
C PHE B 182 10.05 0.42 9.00
N ASP B 183 8.98 0.14 9.75
CA ASP B 183 7.90 1.11 9.85
C ASP B 183 8.35 2.48 10.32
N TRP B 184 9.38 2.54 11.15
CA TRP B 184 9.86 3.82 11.66
C TRP B 184 10.66 4.62 10.62
N GLU B 185 10.88 4.03 9.44
CA GLU B 185 11.64 4.69 8.37
C GLU B 185 10.73 5.23 7.27
N ILE B 186 9.51 4.70 7.20
CA ILE B 186 8.56 5.08 6.17
C ILE B 186 8.29 6.57 6.00
N GLU B 187 8.03 7.29 7.10
CA GLU B 187 7.76 8.73 7.01
C GLU B 187 8.90 9.47 6.33
N HIS B 188 10.12 9.14 6.75
CA HIS B 188 11.30 9.77 6.18
C HIS B 188 11.39 9.50 4.68
N ILE B 189 11.31 8.23 4.31
CA ILE B 189 11.40 7.83 2.90
C ILE B 189 10.37 8.56 2.05
N LYS B 190 9.16 8.71 2.56
CA LYS B 190 8.10 9.41 1.84
C LYS B 190 8.42 10.91 1.75
N LYS B 191 8.86 11.49 2.87
CA LYS B 191 9.20 12.91 2.94
C LYS B 191 10.27 13.35 1.94
N VAL B 192 11.22 12.48 1.64
CA VAL B 192 12.28 12.83 0.71
C VAL B 192 11.94 12.51 -0.75
N GLY B 193 10.65 12.32 -1.01
CA GLY B 193 10.19 12.05 -2.35
C GLY B 193 10.46 10.65 -2.89
N LEU B 194 10.56 9.68 -2.00
CA LEU B 194 10.83 8.30 -2.41
C LEU B 194 9.72 7.35 -1.94
N GLY B 195 9.89 6.07 -2.22
CA GLY B 195 8.93 5.06 -1.82
C GLY B 195 7.50 5.26 -2.30
N LYS B 196 7.32 6.01 -3.38
CA LYS B 196 5.98 6.28 -3.89
C LYS B 196 5.24 5.05 -4.42
N GLY B 197 5.98 4.02 -4.81
CA GLY B 197 5.35 2.83 -5.32
C GLY B 197 5.44 1.67 -4.37
N GLY B 198 5.91 1.94 -3.16
CA GLY B 198 6.04 0.89 -2.16
C GLY B 198 4.70 0.39 -1.66
N SER B 199 4.60 -0.91 -1.44
CA SER B 199 3.39 -1.53 -0.93
C SER B 199 3.80 -2.85 -0.30
N LEU B 200 2.88 -3.50 0.40
CA LEU B 200 3.20 -4.78 1.02
C LEU B 200 3.34 -5.87 -0.03
N LYS B 201 3.10 -5.51 -1.29
CA LYS B 201 3.22 -6.47 -2.38
C LYS B 201 4.65 -6.49 -2.93
N ASN B 202 5.41 -5.44 -2.64
CA ASN B 202 6.78 -5.39 -3.13
C ASN B 202 7.79 -5.06 -2.04
N THR B 203 7.31 -4.85 -0.81
CA THR B 203 8.18 -4.50 0.30
C THR B 203 7.79 -5.23 1.58
N LEU B 204 8.77 -5.80 2.27
CA LEU B 204 8.52 -6.46 3.55
C LEU B 204 8.65 -5.35 4.58
N VAL B 205 7.55 -5.03 5.26
CA VAL B 205 7.58 -3.98 6.26
C VAL B 205 7.63 -4.58 7.65
N LEU B 206 8.68 -4.24 8.39
CA LEU B 206 8.90 -4.77 9.73
C LEU B 206 8.81 -3.69 10.80
N GLY B 207 8.34 -4.10 11.97
CA GLY B 207 8.24 -3.18 13.09
C GLY B 207 9.20 -3.62 14.18
N LYS B 208 9.14 -2.99 15.34
CA LYS B 208 10.03 -3.36 16.45
C LYS B 208 9.90 -4.83 16.81
N ASP B 209 8.69 -5.36 16.75
CA ASP B 209 8.46 -6.76 17.09
C ASP B 209 7.47 -7.44 16.18
N LYS B 210 7.22 -6.86 15.01
CA LYS B 210 6.24 -7.45 14.11
C LYS B 210 6.56 -7.38 12.61
N VAL B 211 5.85 -8.20 11.85
CA VAL B 211 5.95 -8.27 10.40
C VAL B 211 4.57 -7.94 9.88
N TYR B 212 4.42 -6.79 9.24
CA TYR B 212 3.11 -6.38 8.73
C TYR B 212 2.57 -7.25 7.61
N ASN B 213 3.43 -7.68 6.70
CA ASN B 213 2.98 -8.51 5.59
C ASN B 213 2.32 -9.77 6.11
N PRO B 214 1.10 -10.06 5.63
CA PRO B 214 0.39 -11.27 6.07
C PRO B 214 1.11 -12.56 5.70
N GLU B 215 1.85 -12.56 4.59
CA GLU B 215 2.59 -13.74 4.17
C GLU B 215 3.84 -13.97 5.03
N GLY B 216 4.16 -13.00 5.88
CA GLY B 216 5.33 -13.14 6.72
C GLY B 216 6.64 -13.20 5.94
N LEU B 217 7.71 -13.62 6.61
CA LEU B 217 9.03 -13.72 5.98
C LEU B 217 9.21 -15.05 5.26
N ARG B 218 9.85 -15.00 4.10
N ARG B 218 9.80 -15.04 4.12
CA ARG B 218 10.13 -16.20 3.32
CA ARG B 218 10.04 -16.30 3.42
C ARG B 218 11.18 -17.03 4.06
C ARG B 218 11.09 -17.06 4.21
N TYR B 219 12.09 -16.35 4.73
CA TYR B 219 13.15 -16.98 5.52
C TYR B 219 13.28 -16.13 6.77
N GLU B 220 13.69 -16.74 7.88
CA GLU B 220 13.84 -15.99 9.12
C GLU B 220 14.87 -14.87 8.92
N ASN B 221 15.80 -15.08 8.00
CA ASN B 221 16.83 -14.07 7.74
C ASN B 221 16.68 -13.44 6.36
N GLU B 222 15.45 -13.39 5.84
CA GLU B 222 15.22 -12.83 4.51
C GLU B 222 15.87 -11.45 4.32
N PRO B 223 15.81 -10.58 5.35
CA PRO B 223 16.42 -9.24 5.21
C PRO B 223 17.91 -9.26 4.88
N VAL B 224 18.70 -10.06 5.60
CA VAL B 224 20.13 -10.11 5.30
C VAL B 224 20.40 -10.81 3.99
N ARG B 225 19.55 -11.74 3.59
CA ARG B 225 19.71 -12.39 2.30
C ARG B 225 19.52 -11.33 1.22
N HIS B 226 18.57 -10.43 1.44
CA HIS B 226 18.32 -9.37 0.45
C HIS B 226 19.51 -8.42 0.37
N LYS B 227 20.11 -8.13 1.52
CA LYS B 227 21.26 -7.24 1.56
C LYS B 227 22.41 -7.83 0.75
N VAL B 228 22.57 -9.16 0.84
CA VAL B 228 23.61 -9.82 0.07
C VAL B 228 23.28 -9.67 -1.41
N PHE B 229 22.00 -9.85 -1.75
CA PHE B 229 21.52 -9.72 -3.12
C PHE B 229 21.81 -8.31 -3.64
N ASP B 230 21.54 -7.29 -2.82
CA ASP B 230 21.80 -5.91 -3.21
C ASP B 230 23.30 -5.68 -3.47
N LEU B 231 24.14 -6.17 -2.57
CA LEU B 231 25.59 -6.01 -2.69
C LEU B 231 26.15 -6.64 -3.96
N ILE B 232 25.63 -7.81 -4.33
CA ILE B 232 26.10 -8.48 -5.54
C ILE B 232 25.73 -7.66 -6.78
N GLY B 233 24.61 -6.93 -6.69
CA GLY B 233 24.21 -6.09 -7.80
C GLY B 233 25.13 -4.86 -7.89
N ASP B 234 25.41 -4.25 -6.75
CA ASP B 234 26.29 -3.09 -6.73
C ASP B 234 27.71 -3.48 -7.14
N LEU B 235 28.12 -4.69 -6.76
CA LEU B 235 29.44 -5.17 -7.12
C LEU B 235 29.63 -5.26 -8.64
N TYR B 236 28.55 -5.51 -9.38
CA TYR B 236 28.66 -5.61 -10.82
C TYR B 236 29.03 -4.26 -11.44
N LEU B 237 28.93 -3.19 -10.65
CA LEU B 237 29.29 -1.87 -11.15
C LEU B 237 30.79 -1.78 -11.40
N LEU B 238 31.51 -2.85 -11.06
CA LEU B 238 32.94 -2.90 -11.31
C LEU B 238 33.18 -3.07 -12.81
N GLY B 239 32.11 -3.37 -13.56
CA GLY B 239 32.25 -3.49 -15.00
C GLY B 239 32.28 -4.88 -15.58
N SER B 240 32.47 -5.89 -14.72
CA SER B 240 32.48 -7.28 -15.17
C SER B 240 32.28 -8.21 -13.98
N PRO B 241 31.94 -9.47 -14.23
CA PRO B 241 31.74 -10.42 -13.13
C PRO B 241 32.91 -10.34 -12.16
N VAL B 242 32.62 -10.50 -10.88
CA VAL B 242 33.64 -10.37 -9.84
C VAL B 242 34.03 -11.67 -9.15
N LYS B 243 35.32 -11.77 -8.82
CA LYS B 243 35.83 -12.92 -8.07
C LYS B 243 36.48 -12.31 -6.85
N GLY B 244 35.93 -12.60 -5.68
CA GLY B 244 36.48 -12.06 -4.45
C GLY B 244 35.62 -12.49 -3.27
N LYS B 245 36.17 -12.37 -2.07
CA LYS B 245 35.47 -12.72 -0.84
C LYS B 245 35.08 -11.42 -0.16
N PHE B 246 33.80 -11.24 0.11
CA PHE B 246 33.31 -10.01 0.70
C PHE B 246 32.56 -10.20 2.01
N TYR B 247 32.82 -9.30 2.96
CA TYR B 247 32.15 -9.32 4.25
C TYR B 247 31.61 -7.93 4.51
N SER B 248 30.30 -7.80 4.64
CA SER B 248 29.68 -6.52 4.90
C SER B 248 28.99 -6.50 6.26
N PHE B 249 29.34 -5.54 7.09
CA PHE B 249 28.72 -5.40 8.41
C PHE B 249 27.88 -4.12 8.38
N ARG B 250 26.57 -4.29 8.30
CA ARG B 250 25.63 -3.17 8.28
C ARG B 250 25.79 -2.29 7.04
N GLY B 251 26.32 -2.87 5.97
CA GLY B 251 26.51 -2.08 4.76
C GLY B 251 25.22 -1.74 4.03
N GLY B 252 25.32 -0.76 3.14
CA GLY B 252 24.17 -0.35 2.34
C GLY B 252 24.74 0.12 1.00
N HIS B 253 23.86 0.55 0.09
CA HIS B 253 24.30 1.00 -1.23
C HIS B 253 25.45 2.01 -1.20
N SER B 254 25.36 3.01 -0.34
CA SER B 254 26.43 4.02 -0.28
C SER B 254 27.80 3.41 -0.01
N LEU B 255 27.89 2.60 1.05
CA LEU B 255 29.16 1.98 1.39
C LEU B 255 29.59 0.98 0.31
N ASN B 256 28.61 0.29 -0.30
CA ASN B 256 28.89 -0.66 -1.36
C ASN B 256 29.61 0.05 -2.51
N VAL B 257 29.02 1.17 -2.96
CA VAL B 257 29.58 1.94 -4.05
C VAL B 257 30.94 2.53 -3.67
N LYS B 258 31.11 2.90 -2.41
CA LYS B 258 32.39 3.46 -1.96
C LYS B 258 33.46 2.37 -2.09
N LEU B 259 33.10 1.14 -1.74
CA LEU B 259 34.03 0.02 -1.84
C LEU B 259 34.39 -0.23 -3.31
N VAL B 260 33.37 -0.26 -4.16
CA VAL B 260 33.57 -0.50 -5.59
C VAL B 260 34.55 0.53 -6.17
N LYS B 261 34.33 1.80 -5.87
CA LYS B 261 35.20 2.84 -6.39
C LYS B 261 36.64 2.72 -5.88
N GLU B 262 36.79 2.33 -4.62
CA GLU B 262 38.14 2.17 -4.07
C GLU B 262 38.83 0.99 -4.76
N LEU B 263 38.07 -0.07 -5.04
CA LEU B 263 38.62 -1.24 -5.71
C LEU B 263 39.03 -0.90 -7.15
N ALA B 264 38.14 -0.20 -7.87
CA ALA B 264 38.44 0.18 -9.24
C ALA B 264 39.69 1.05 -9.29
N LYS B 265 39.75 2.04 -8.41
CA LYS B 265 40.87 2.97 -8.34
C LYS B 265 42.18 2.25 -7.99
N LYS B 266 42.09 1.37 -7.01
CA LYS B 266 43.24 0.61 -6.53
C LYS B 266 43.86 -0.25 -7.64
N GLN B 267 43.02 -0.92 -8.42
CA GLN B 267 43.52 -1.79 -9.49
C GLN B 267 43.48 -1.10 -10.85
ZN ZN C . -15.76 4.63 7.73
ZN ZN D . -11.37 -7.66 14.30
CL CL E . -12.93 -9.29 13.54
C1 PLM F . 2.49 0.60 7.66
O1 PLM F . 2.84 1.37 6.69
O2 PLM F . 2.90 0.79 8.86
C2 PLM F . 1.52 -0.61 7.43
C3 PLM F . 1.01 -0.84 6.00
C4 PLM F . -0.27 -0.08 5.62
C5 PLM F . -1.47 -1.01 5.49
C6 PLM F . -2.81 -0.31 5.65
C7 PLM F . -3.96 -1.29 5.51
C8 PLM F . -4.79 -1.34 6.77
C9 PLM F . -6.11 -2.07 6.62
CA PLM F . -7.24 -1.13 6.24
CB PLM F . -8.58 -1.54 6.79
CC PLM F . -9.00 -0.61 7.90
CD PLM F . -10.50 -0.63 8.13
CE PLM F . -10.91 -0.13 9.56
CF PLM F . -11.60 -0.06 10.87
CG PLM F . -11.55 -0.80 12.04
C1 MYR G . -1.19 -6.95 0.60
O1 MYR G . -1.05 -7.92 -0.22
O2 MYR G . -0.99 -7.06 1.85
C2 MYR G . -1.66 -5.59 0.04
C3 MYR G . -0.48 -4.66 -0.17
C4 MYR G . -0.90 -3.21 -0.17
C5 MYR G . -0.65 -2.54 1.16
C6 MYR G . 0.45 -1.51 1.10
C7 MYR G . 0.02 -0.24 0.36
C8 MYR G . 0.27 1.00 1.18
C9 MYR G . 1.02 2.04 0.38
C10 MYR G . 0.09 3.12 -0.13
C11 MYR G . 0.46 3.59 -1.52
C12 MYR G . 1.42 4.77 -1.49
C13 MYR G . 0.69 6.10 -1.39
C14 MYR G . 1.15 6.89 -0.19
N1 IMD H . -12.36 -6.93 16.13
C2 IMD H . -13.39 -6.90 16.96
N3 IMD H . -13.02 -6.27 18.11
C4 IMD H . -11.72 -5.89 17.99
C5 IMD H . -11.28 -6.28 16.77
N1 IMD I . -15.04 2.68 7.91
C2 IMD I . -15.15 1.77 8.86
N3 IMD I . -14.58 0.60 8.43
C4 IMD I . -14.11 0.81 7.17
C5 IMD I . -14.38 2.08 6.81
C1 GOL J . -31.68 14.13 7.69
O1 GOL J . -32.37 14.10 8.94
C2 GOL J . -30.58 15.19 7.71
O2 GOL J . -31.15 16.46 7.34
C3 GOL J . -29.44 14.90 6.77
O3 GOL J . -28.74 13.72 7.20
ZN ZN K . 17.26 -4.39 -2.85
ZN ZN L . 35.99 -20.01 -18.55
ZN ZN M . 17.11 8.80 3.35
CL CL N . 17.78 10.24 1.74
C1 MYR O . 16.79 1.96 3.08
O1 MYR O . 16.32 2.55 4.09
O2 MYR O . 18.02 1.67 2.95
C2 MYR O . 15.83 1.57 1.93
C3 MYR O . 14.48 1.09 2.45
C4 MYR O . 13.74 0.34 1.36
C5 MYR O . 12.84 1.25 0.56
C6 MYR O . 11.44 0.71 0.43
C7 MYR O . 10.44 1.80 0.14
C8 MYR O . 9.73 2.23 1.41
C9 MYR O . 8.26 2.48 1.16
C10 MYR O . 7.42 1.89 2.26
C11 MYR O . 6.58 0.74 1.78
C12 MYR O . 5.11 1.10 1.85
C13 MYR O . 4.33 0.08 2.63
C14 MYR O . 3.22 0.72 3.42
N1 IMD P . 18.53 8.17 4.74
C2 IMD P . 18.76 7.95 6.02
N3 IMD P . 20.11 7.88 6.24
C4 IMD P . 20.73 8.08 5.04
C5 IMD P . 19.78 8.25 4.09
N1 IMD Q . 16.84 -2.40 -2.66
C2 IMD Q . 17.34 -1.46 -1.89
N3 IMD Q . 16.54 -0.37 -1.93
C4 IMD Q . 15.49 -0.65 -2.75
C5 IMD Q . 15.65 -1.90 -3.22
C1 GOL R . 30.89 -14.11 -10.88
O1 GOL R . 32.30 -14.10 -10.74
C2 GOL R . 30.34 -15.35 -10.20
O2 GOL R . 30.40 -16.45 -11.13
C3 GOL R . 28.91 -15.18 -9.74
O3 GOL R . 28.06 -14.97 -10.87
C1 GOL S . 28.46 10.11 -6.46
O1 GOL S . 27.66 11.23 -6.09
C2 GOL S . 28.29 9.01 -5.43
O2 GOL S . 29.37 8.09 -5.56
C3 GOL S . 26.99 8.24 -5.60
O3 GOL S . 25.91 8.99 -5.02
C1 GOL T . 39.64 -16.15 -11.23
O1 GOL T . 39.43 -17.18 -10.26
C2 GOL T . 39.49 -16.70 -12.64
O2 GOL T . 39.89 -15.71 -13.58
C3 GOL T . 38.06 -17.12 -12.97
O3 GOL T . 38.06 -18.00 -14.08
#